data_2LS4
#
_entry.id   2LS4
#
_entity_poly.entity_id   1
_entity_poly.type   'polypeptide(L)'
_entity_poly.pdbx_seq_one_letter_code
;YNGYLCIAVAAGAGTGYFLFSWKK
;
_entity_poly.pdbx_strand_id   A
#
# COMPACT_ATOMS: atom_id res chain seq x y z
N TYR A 1 -13.31 -14.59 1.24
CA TYR A 1 -13.49 -14.25 2.63
C TYR A 1 -12.74 -12.96 2.97
N ASN A 2 -13.46 -11.85 2.92
CA ASN A 2 -12.89 -10.56 3.22
C ASN A 2 -11.61 -10.37 2.40
N GLY A 3 -11.79 -9.90 1.19
CA GLY A 3 -10.67 -9.68 0.29
C GLY A 3 -10.82 -8.35 -0.46
N TYR A 4 -11.14 -7.31 0.30
CA TYR A 4 -11.32 -5.99 -0.28
C TYR A 4 -11.54 -4.95 0.80
N LEU A 5 -11.63 -3.70 0.37
CA LEU A 5 -11.84 -2.59 1.29
C LEU A 5 -10.63 -2.47 2.22
N CYS A 6 -9.89 -1.39 2.05
CA CYS A 6 -8.72 -1.14 2.86
C CYS A 6 -7.69 -2.23 2.57
N ILE A 7 -7.84 -2.83 1.40
CA ILE A 7 -6.93 -3.90 0.98
C ILE A 7 -6.06 -3.40 -0.17
N ALA A 8 -6.73 -2.88 -1.19
CA ALA A 8 -6.03 -2.36 -2.36
C ALA A 8 -5.20 -1.14 -1.95
N VAL A 9 -5.85 -0.23 -1.26
CA VAL A 9 -5.18 0.98 -0.80
C VAL A 9 -4.03 0.61 0.15
N ALA A 10 -4.35 -0.29 1.07
CA ALA A 10 -3.36 -0.73 2.04
C ALA A 10 -2.17 -1.34 1.29
N ALA A 11 -2.43 -2.47 0.65
CA ALA A 11 -1.39 -3.16 -0.10
C ALA A 11 -0.73 -2.18 -1.07
N GLY A 12 -1.56 -1.36 -1.70
CA GLY A 12 -1.07 -0.37 -2.65
C GLY A 12 -0.14 0.64 -1.96
N ALA A 13 -0.54 1.03 -0.75
CA ALA A 13 0.25 1.98 0.01
C ALA A 13 1.51 1.28 0.55
N GLY A 14 1.28 0.17 1.23
CA GLY A 14 2.38 -0.59 1.79
C GLY A 14 2.88 -1.64 0.80
N THR A 15 2.71 -1.33 -0.48
CA THR A 15 3.16 -2.22 -1.53
C THR A 15 4.66 -2.52 -1.38
N GLY A 16 5.43 -1.45 -1.24
CA GLY A 16 6.86 -1.59 -1.10
C GLY A 16 7.24 -1.96 0.33
N TYR A 17 7.60 -0.94 1.10
CA TYR A 17 7.98 -1.16 2.49
C TYR A 17 7.07 -0.38 3.44
N PHE A 18 7.02 0.93 3.23
CA PHE A 18 6.18 1.79 4.06
C PHE A 18 5.76 3.04 3.29
N LEU A 19 6.75 3.72 2.73
CA LEU A 19 6.50 4.93 1.97
C LEU A 19 6.12 6.06 2.93
N PHE A 20 5.56 7.11 2.35
CA PHE A 20 5.15 8.26 3.15
C PHE A 20 4.57 7.82 4.49
N SER A 21 3.95 6.65 4.47
CA SER A 21 3.35 6.11 5.68
C SER A 21 4.28 6.33 6.87
N TRP A 22 5.55 6.03 6.66
CA TRP A 22 6.54 6.19 7.71
C TRP A 22 7.66 7.08 7.17
N LYS A 23 7.26 8.12 6.46
CA LYS A 23 8.21 9.06 5.88
C LYS A 23 9.34 9.30 6.89
N LYS A 24 10.54 9.47 6.35
CA LYS A 24 11.71 9.72 7.18
C LYS A 24 11.70 11.17 7.64
N TYR A 1 -3.05 -10.26 4.23
CA TYR A 1 -4.47 -9.99 4.15
C TYR A 1 -4.96 -9.25 5.39
N ASN A 2 -5.04 -7.93 5.26
CA ASN A 2 -5.49 -7.10 6.36
C ASN A 2 -6.05 -5.78 5.80
N GLY A 3 -6.61 -4.98 6.70
CA GLY A 3 -7.18 -3.70 6.31
C GLY A 3 -8.65 -3.85 5.92
N TYR A 4 -8.90 -4.77 5.01
CA TYR A 4 -10.26 -5.01 4.55
C TYR A 4 -10.87 -3.75 3.92
N LEU A 5 -11.56 -3.96 2.82
CA LEU A 5 -12.20 -2.86 2.11
C LEU A 5 -11.13 -2.00 1.44
N CYS A 6 -10.24 -1.47 2.26
CA CYS A 6 -9.16 -0.63 1.75
C CYS A 6 -7.92 -1.52 1.55
N ILE A 7 -8.18 -2.80 1.33
CA ILE A 7 -7.10 -3.75 1.12
C ILE A 7 -6.16 -3.22 0.04
N ALA A 8 -6.72 -3.03 -1.14
CA ALA A 8 -5.94 -2.52 -2.27
C ALA A 8 -5.09 -1.34 -1.80
N VAL A 9 -5.75 -0.40 -1.15
CA VAL A 9 -5.07 0.78 -0.64
C VAL A 9 -3.93 0.35 0.29
N ALA A 10 -4.21 -0.66 1.08
CA ALA A 10 -3.23 -1.19 2.02
C ALA A 10 -1.97 -1.61 1.25
N ALA A 11 -2.15 -2.60 0.39
CA ALA A 11 -1.06 -3.12 -0.41
C ALA A 11 -0.48 -1.98 -1.26
N GLY A 12 -1.38 -1.18 -1.80
CA GLY A 12 -0.97 -0.05 -2.63
C GLY A 12 -0.06 0.90 -1.85
N ALA A 13 -0.46 1.17 -0.62
CA ALA A 13 0.31 2.06 0.24
C ALA A 13 1.59 1.35 0.70
N GLY A 14 1.40 0.18 1.28
CA GLY A 14 2.52 -0.61 1.77
C GLY A 14 3.68 -0.56 0.78
N THR A 15 3.34 -0.39 -0.49
CA THR A 15 4.34 -0.33 -1.53
C THR A 15 4.78 1.11 -1.78
N GLY A 16 3.79 1.97 -1.97
CA GLY A 16 4.06 3.38 -2.21
C GLY A 16 2.92 4.26 -1.65
N TYR A 17 2.89 4.35 -0.33
CA TYR A 17 1.88 5.14 0.33
C TYR A 17 2.21 6.64 0.26
N PHE A 18 3.50 6.92 0.31
CA PHE A 18 3.98 8.30 0.26
C PHE A 18 3.13 9.12 -0.73
N LEU A 19 2.66 8.44 -1.76
CA LEU A 19 1.84 9.09 -2.78
C LEU A 19 0.88 10.05 -2.11
N PHE A 20 0.95 11.31 -2.52
CA PHE A 20 0.09 12.34 -1.97
C PHE A 20 0.20 12.39 -0.45
N SER A 21 1.43 12.27 0.03
CA SER A 21 1.69 12.31 1.45
C SER A 21 3.00 13.02 1.74
N TRP A 22 4.04 12.58 1.04
CA TRP A 22 5.36 13.17 1.21
C TRP A 22 5.70 13.93 -0.08
N LYS A 23 4.71 14.63 -0.60
CA LYS A 23 4.89 15.39 -1.82
C LYS A 23 4.45 16.85 -1.58
N LYS A 24 5.33 17.76 -1.95
CA LYS A 24 5.05 19.18 -1.78
C LYS A 24 5.73 19.97 -2.89
N TYR A 1 -9.91 -12.25 8.70
CA TYR A 1 -9.74 -10.90 8.21
C TYR A 1 -10.97 -10.45 7.43
N ASN A 2 -11.29 -9.17 7.58
CA ASN A 2 -12.43 -8.59 6.89
C ASN A 2 -12.23 -7.08 6.73
N GLY A 3 -13.09 -6.48 5.93
CA GLY A 3 -13.01 -5.06 5.68
C GLY A 3 -13.11 -4.74 4.18
N TYR A 4 -12.26 -5.41 3.42
CA TYR A 4 -12.24 -5.21 1.98
C TYR A 4 -11.97 -3.75 1.62
N LEU A 5 -11.46 -3.55 0.43
CA LEU A 5 -11.15 -2.21 -0.05
C LEU A 5 -9.95 -1.67 0.72
N CYS A 6 -10.14 -1.50 2.02
CA CYS A 6 -9.08 -0.99 2.88
C CYS A 6 -7.81 -1.80 2.60
N ILE A 7 -8.02 -3.04 2.17
CA ILE A 7 -6.90 -3.91 1.87
C ILE A 7 -6.13 -3.36 0.66
N ALA A 8 -6.85 -3.15 -0.42
CA ALA A 8 -6.24 -2.63 -1.64
C ALA A 8 -5.36 -1.43 -1.28
N VAL A 9 -5.99 -0.44 -0.67
CA VAL A 9 -5.26 0.77 -0.26
C VAL A 9 -4.02 0.37 0.55
N ALA A 10 -4.19 -0.67 1.35
CA ALA A 10 -3.10 -1.16 2.17
C ALA A 10 -1.96 -1.65 1.27
N ALA A 11 -2.29 -2.63 0.43
CA ALA A 11 -1.30 -3.18 -0.48
C ALA A 11 -0.76 -2.08 -1.39
N GLY A 12 -1.67 -1.22 -1.82
CA GLY A 12 -1.30 -0.13 -2.70
C GLY A 12 -0.32 0.81 -2.00
N ALA A 13 -0.71 1.27 -0.81
CA ALA A 13 0.12 2.17 -0.03
C ALA A 13 1.39 1.44 0.39
N GLY A 14 1.21 0.22 0.87
CA GLY A 14 2.32 -0.60 1.32
C GLY A 14 2.90 -1.41 0.16
N THR A 15 2.61 -0.95 -1.05
CA THR A 15 3.11 -1.62 -2.24
C THR A 15 4.60 -1.91 -2.12
N GLY A 16 5.36 -0.84 -1.97
CA GLY A 16 6.81 -0.96 -1.85
C GLY A 16 7.40 0.29 -1.19
N TYR A 17 7.25 0.36 0.12
CA TYR A 17 7.76 1.48 0.88
C TYR A 17 9.22 1.25 1.28
N PHE A 18 9.56 -0.01 1.50
CA PHE A 18 10.90 -0.38 1.88
C PHE A 18 11.53 -1.32 0.86
N LEU A 19 10.93 -2.49 0.72
CA LEU A 19 11.41 -3.48 -0.23
C LEU A 19 12.94 -3.51 -0.18
N PHE A 20 13.54 -2.85 -1.17
CA PHE A 20 14.99 -2.79 -1.25
C PHE A 20 15.61 -2.38 0.10
N SER A 21 14.92 -1.48 0.77
CA SER A 21 15.38 -1.00 2.06
C SER A 21 15.77 -2.18 2.95
N TRP A 22 15.00 -3.25 2.82
CA TRP A 22 15.24 -4.45 3.60
C TRP A 22 16.12 -5.39 2.77
N LYS A 23 17.06 -4.79 2.07
CA LYS A 23 17.97 -5.56 1.23
C LYS A 23 19.37 -4.97 1.33
N LYS A 24 20.31 -5.60 0.63
CA LYS A 24 21.68 -5.16 0.64
C LYS A 24 22.07 -4.67 -0.76
N TYR A 1 -18.85 -9.24 -4.61
CA TYR A 1 -18.88 -7.80 -4.81
C TYR A 1 -18.60 -7.05 -3.52
N ASN A 2 -17.98 -5.89 -3.66
CA ASN A 2 -17.64 -5.07 -2.51
C ASN A 2 -16.70 -5.85 -1.59
N GLY A 3 -15.93 -5.10 -0.81
CA GLY A 3 -14.98 -5.71 0.12
C GLY A 3 -13.63 -5.01 0.05
N TYR A 4 -13.12 -4.88 -1.17
CA TYR A 4 -11.84 -4.23 -1.39
C TYR A 4 -11.89 -2.76 -0.98
N LEU A 5 -11.45 -2.49 0.24
CA LEU A 5 -11.44 -1.14 0.76
C LEU A 5 -10.10 -0.87 1.46
N CYS A 6 -9.77 -1.76 2.39
CA CYS A 6 -8.53 -1.63 3.13
C CYS A 6 -7.62 -2.80 2.75
N ILE A 7 -7.85 -3.32 1.55
CA ILE A 7 -7.06 -4.44 1.06
C ILE A 7 -6.11 -3.93 -0.04
N ALA A 8 -6.71 -3.38 -1.07
CA ALA A 8 -5.93 -2.86 -2.19
C ALA A 8 -5.22 -1.57 -1.76
N VAL A 9 -5.98 -0.71 -1.10
CA VAL A 9 -5.45 0.55 -0.64
C VAL A 9 -4.23 0.30 0.26
N ALA A 10 -4.40 -0.65 1.17
CA ALA A 10 -3.34 -1.00 2.09
C ALA A 10 -2.11 -1.44 1.30
N ALA A 11 -2.26 -2.57 0.62
CA ALA A 11 -1.18 -3.11 -0.20
C ALA A 11 -0.63 -2.01 -1.11
N GLY A 12 -1.54 -1.28 -1.73
CA GLY A 12 -1.17 -0.21 -2.62
C GLY A 12 -0.32 0.84 -1.89
N ALA A 13 -0.81 1.23 -0.72
CA ALA A 13 -0.11 2.22 0.08
C ALA A 13 1.21 1.63 0.59
N GLY A 14 1.12 0.41 1.07
CA GLY A 14 2.29 -0.28 1.59
C GLY A 14 3.00 -1.07 0.49
N THR A 15 2.74 -0.65 -0.74
CA THR A 15 3.34 -1.30 -1.90
C THR A 15 4.86 -1.31 -1.77
N GLY A 16 5.42 -0.12 -1.58
CA GLY A 16 6.86 0.03 -1.44
C GLY A 16 7.22 0.60 -0.08
N TYR A 17 7.37 1.92 -0.04
CA TYR A 17 7.71 2.60 1.19
C TYR A 17 7.79 4.11 0.98
N PHE A 18 8.56 4.50 -0.03
CA PHE A 18 8.73 5.91 -0.35
C PHE A 18 7.38 6.57 -0.63
N LEU A 19 6.39 5.73 -0.94
CA LEU A 19 5.06 6.22 -1.22
C LEU A 19 4.70 7.35 -0.24
N PHE A 20 4.29 8.47 -0.80
CA PHE A 20 3.93 9.62 0.02
C PHE A 20 5.08 10.03 0.93
N SER A 21 6.26 10.09 0.35
CA SER A 21 7.45 10.47 1.09
C SER A 21 8.51 11.03 0.15
N TRP A 22 8.70 10.33 -0.96
CA TRP A 22 9.68 10.75 -1.94
C TRP A 22 8.95 10.92 -3.29
N LYS A 23 7.78 11.52 -3.21
CA LYS A 23 6.97 11.74 -4.39
C LYS A 23 7.47 13.01 -5.10
N LYS A 24 7.01 13.17 -6.33
CA LYS A 24 7.40 14.32 -7.13
C LYS A 24 6.95 15.60 -6.42
N TYR A 1 -9.63 -6.27 8.12
CA TYR A 1 -10.41 -7.44 8.49
C TYR A 1 -11.83 -7.35 7.93
N ASN A 2 -12.19 -8.33 7.12
CA ASN A 2 -13.51 -8.37 6.51
C ASN A 2 -13.69 -7.12 5.63
N GLY A 3 -14.56 -7.27 4.65
CA GLY A 3 -14.84 -6.16 3.74
C GLY A 3 -13.95 -6.25 2.49
N TYR A 4 -12.65 -6.39 2.75
CA TYR A 4 -11.70 -6.47 1.66
C TYR A 4 -11.87 -5.32 0.68
N LEU A 5 -11.77 -4.11 1.20
CA LEU A 5 -11.92 -2.92 0.38
C LEU A 5 -10.68 -2.04 0.53
N CYS A 6 -10.50 -1.54 1.75
CA CYS A 6 -9.37 -0.69 2.03
C CYS A 6 -8.08 -1.50 1.81
N ILE A 7 -8.24 -2.81 1.88
CA ILE A 7 -7.11 -3.71 1.68
C ILE A 7 -6.26 -3.20 0.51
N ALA A 8 -6.94 -2.80 -0.55
CA ALA A 8 -6.27 -2.29 -1.73
C ALA A 8 -5.27 -1.21 -1.32
N VAL A 9 -5.75 -0.28 -0.52
CA VAL A 9 -4.91 0.81 -0.05
C VAL A 9 -3.80 0.25 0.84
N ALA A 10 -4.17 -0.76 1.62
CA ALA A 10 -3.22 -1.39 2.52
C ALA A 10 -2.05 -1.94 1.71
N ALA A 11 -2.39 -2.75 0.71
CA ALA A 11 -1.38 -3.35 -0.14
C ALA A 11 -1.14 -2.45 -1.35
N GLY A 12 -1.60 -1.21 -1.22
CA GLY A 12 -1.44 -0.25 -2.30
C GLY A 12 -0.47 0.87 -1.89
N ALA A 13 -0.42 1.12 -0.60
CA ALA A 13 0.45 2.15 -0.06
C ALA A 13 1.88 1.61 0.05
N GLY A 14 1.98 0.39 0.57
CA GLY A 14 3.27 -0.25 0.72
C GLY A 14 3.65 -1.01 -0.54
N THR A 15 3.00 -0.66 -1.64
CA THR A 15 3.27 -1.30 -2.91
C THR A 15 4.76 -1.20 -3.25
N GLY A 16 5.22 0.04 -3.40
CA GLY A 16 6.62 0.27 -3.73
C GLY A 16 7.36 0.87 -2.54
N TYR A 17 7.22 0.21 -1.40
CA TYR A 17 7.87 0.66 -0.18
C TYR A 17 8.81 -0.41 0.37
N PHE A 18 8.27 -1.61 0.51
CA PHE A 18 9.06 -2.72 1.02
C PHE A 18 9.97 -3.30 -0.07
N LEU A 19 9.56 -3.08 -1.31
CA LEU A 19 10.33 -3.57 -2.45
C LEU A 19 11.81 -3.26 -2.23
N PHE A 20 12.06 -2.05 -1.74
CA PHE A 20 13.43 -1.62 -1.49
C PHE A 20 14.07 -2.47 -0.38
N SER A 21 13.30 -2.69 0.67
CA SER A 21 13.77 -3.48 1.79
C SER A 21 14.15 -4.89 1.33
N TRP A 22 13.23 -5.48 0.57
CA TRP A 22 13.46 -6.82 0.05
C TRP A 22 14.64 -6.77 -0.93
N LYS A 23 14.91 -5.57 -1.41
CA LYS A 23 16.01 -5.36 -2.34
C LYS A 23 17.33 -5.75 -1.65
N LYS A 24 17.76 -4.88 -0.74
CA LYS A 24 18.99 -5.11 -0.03
C LYS A 24 20.09 -5.54 -1.01
N TYR A 1 -7.75 -7.73 10.55
CA TYR A 1 -9.19 -7.94 10.58
C TYR A 1 -9.81 -7.69 9.21
N ASN A 2 -11.10 -7.95 9.12
CA ASN A 2 -11.83 -7.76 7.87
C ASN A 2 -11.85 -6.27 7.53
N GLY A 3 -10.81 -5.84 6.82
CA GLY A 3 -10.71 -4.46 6.41
C GLY A 3 -11.63 -4.15 5.23
N TYR A 4 -11.57 -5.03 4.24
CA TYR A 4 -12.39 -4.86 3.05
C TYR A 4 -12.08 -3.54 2.35
N LEU A 5 -11.67 -3.65 1.09
CA LEU A 5 -11.33 -2.48 0.30
C LEU A 5 -10.03 -1.88 0.82
N CYS A 6 -10.05 -1.48 2.08
CA CYS A 6 -8.88 -0.88 2.70
C CYS A 6 -7.65 -1.70 2.30
N ILE A 7 -7.89 -2.99 2.05
CA ILE A 7 -6.82 -3.89 1.66
C ILE A 7 -6.09 -3.30 0.45
N ALA A 8 -6.84 -3.08 -0.62
CA ALA A 8 -6.28 -2.52 -1.83
C ALA A 8 -5.40 -1.33 -1.48
N VAL A 9 -6.01 -0.37 -0.80
CA VAL A 9 -5.29 0.83 -0.39
C VAL A 9 -4.08 0.44 0.45
N ALA A 10 -4.29 -0.52 1.33
CA ALA A 10 -3.22 -1.00 2.20
C ALA A 10 -2.08 -1.54 1.34
N ALA A 11 -2.42 -2.55 0.54
CA ALA A 11 -1.43 -3.17 -0.33
C ALA A 11 -0.82 -2.11 -1.25
N GLY A 12 -1.70 -1.25 -1.77
CA GLY A 12 -1.27 -0.19 -2.66
C GLY A 12 -0.30 0.77 -1.94
N ALA A 13 -0.68 1.14 -0.73
CA ALA A 13 0.15 2.04 0.07
C ALA A 13 1.45 1.35 0.43
N GLY A 14 1.32 0.15 0.96
CA GLY A 14 2.48 -0.63 1.36
C GLY A 14 2.97 -1.52 0.21
N THR A 15 2.66 -1.08 -1.01
CA THR A 15 3.06 -1.82 -2.19
C THR A 15 4.46 -2.41 -2.01
N GLY A 16 5.42 -1.51 -1.80
CA GLY A 16 6.79 -1.92 -1.62
C GLY A 16 7.31 -1.50 -0.23
N TYR A 17 8.13 -0.47 -0.24
CA TYR A 17 8.70 0.04 1.01
C TYR A 17 9.49 1.33 0.76
N PHE A 18 10.32 1.29 -0.26
CA PHE A 18 11.14 2.44 -0.61
C PHE A 18 10.73 3.01 -1.98
N LEU A 19 10.37 2.11 -2.87
CA LEU A 19 9.96 2.51 -4.21
C LEU A 19 8.87 3.58 -4.10
N PHE A 20 7.94 3.34 -3.20
CA PHE A 20 6.85 4.28 -2.98
C PHE A 20 7.30 5.48 -2.14
N SER A 21 8.39 5.26 -1.43
CA SER A 21 8.94 6.31 -0.58
C SER A 21 9.59 7.40 -1.44
N TRP A 22 10.34 6.94 -2.44
CA TRP A 22 11.02 7.85 -3.35
C TRP A 22 9.96 8.65 -4.10
N LYS A 23 8.74 8.10 -4.13
CA LYS A 23 7.64 8.75 -4.81
C LYS A 23 7.00 9.76 -3.87
N LYS A 24 6.45 9.25 -2.77
CA LYS A 24 5.81 10.10 -1.79
C LYS A 24 5.67 9.34 -0.47
N TYR A 1 -7.56 -10.72 -5.08
CA TYR A 1 -7.31 -9.30 -5.19
C TYR A 1 -8.36 -8.49 -4.43
N ASN A 2 -8.04 -7.23 -4.21
CA ASN A 2 -8.94 -6.33 -3.49
C ASN A 2 -9.56 -7.09 -2.32
N GLY A 3 -8.82 -7.11 -1.21
CA GLY A 3 -9.27 -7.79 -0.01
C GLY A 3 -10.62 -7.23 0.45
N TYR A 4 -10.70 -5.92 0.49
CA TYR A 4 -11.92 -5.24 0.91
C TYR A 4 -11.75 -3.72 0.89
N LEU A 5 -11.16 -3.24 -0.19
CA LEU A 5 -10.93 -1.82 -0.35
C LEU A 5 -9.87 -1.37 0.65
N CYS A 6 -10.24 -1.42 1.92
CA CYS A 6 -9.33 -1.02 2.98
C CYS A 6 -8.07 -1.89 2.90
N ILE A 7 -8.25 -3.06 2.29
CA ILE A 7 -7.15 -3.99 2.14
C ILE A 7 -6.39 -3.69 0.86
N ALA A 8 -7.16 -3.29 -0.15
CA ALA A 8 -6.57 -2.97 -1.44
C ALA A 8 -5.61 -1.79 -1.28
N VAL A 9 -6.10 -0.74 -0.65
CA VAL A 9 -5.29 0.45 -0.42
C VAL A 9 -3.98 0.04 0.25
N ALA A 10 -4.12 -0.82 1.26
CA ALA A 10 -2.95 -1.29 1.99
C ALA A 10 -1.86 -1.71 1.01
N ALA A 11 -2.23 -2.64 0.13
CA ALA A 11 -1.30 -3.14 -0.87
C ALA A 11 -0.80 -1.97 -1.72
N GLY A 12 -1.69 -1.00 -1.90
CA GLY A 12 -1.35 0.18 -2.70
C GLY A 12 -0.86 1.32 -1.81
N ALA A 13 -0.48 0.96 -0.59
CA ALA A 13 0.01 1.94 0.36
C ALA A 13 1.44 1.58 0.77
N GLY A 14 1.66 0.28 0.98
CA GLY A 14 2.96 -0.21 1.36
C GLY A 14 3.82 -0.52 0.14
N THR A 15 3.36 -0.04 -1.00
CA THR A 15 4.07 -0.26 -2.25
C THR A 15 5.58 -0.09 -2.04
N GLY A 16 5.94 1.09 -1.56
CA GLY A 16 7.35 1.39 -1.31
C GLY A 16 7.49 2.42 -0.19
N TYR A 17 7.29 1.95 1.04
CA TYR A 17 7.41 2.82 2.19
C TYR A 17 8.47 2.31 3.17
N PHE A 18 8.37 1.03 3.48
CA PHE A 18 9.31 0.41 4.39
C PHE A 18 10.74 0.49 3.85
N LEU A 19 10.83 0.46 2.53
CA LEU A 19 12.13 0.53 1.87
C LEU A 19 12.98 1.61 2.55
N PHE A 20 12.39 2.78 2.68
CA PHE A 20 13.07 3.90 3.30
C PHE A 20 12.57 4.13 4.74
N SER A 21 12.27 3.04 5.40
CA SER A 21 11.78 3.11 6.77
C SER A 21 12.41 2.00 7.61
N TRP A 22 12.32 0.78 7.08
CA TRP A 22 12.88 -0.37 7.78
C TRP A 22 14.32 -0.58 7.27
N LYS A 23 14.58 -0.03 6.09
CA LYS A 23 15.89 -0.15 5.49
C LYS A 23 16.27 -1.62 5.39
N LYS A 24 15.99 -2.20 4.22
CA LYS A 24 16.30 -3.59 3.99
C LYS A 24 17.52 -3.70 3.07
N TYR A 1 -11.90 -10.19 8.04
CA TYR A 1 -13.12 -9.43 8.18
C TYR A 1 -13.64 -9.00 6.80
N ASN A 2 -14.82 -8.38 6.82
CA ASN A 2 -15.44 -7.92 5.58
C ASN A 2 -15.42 -6.39 5.56
N GLY A 3 -14.78 -5.87 4.52
CA GLY A 3 -14.68 -4.42 4.36
C GLY A 3 -14.13 -4.06 2.97
N TYR A 4 -13.15 -4.83 2.54
CA TYR A 4 -12.54 -4.62 1.24
C TYR A 4 -12.05 -3.17 1.11
N LEU A 5 -11.34 -2.92 0.02
CA LEU A 5 -10.80 -1.59 -0.23
C LEU A 5 -9.66 -1.31 0.74
N CYS A 6 -9.99 -1.33 2.02
CA CYS A 6 -9.01 -1.08 3.06
C CYS A 6 -7.82 -2.01 2.83
N ILE A 7 -8.11 -3.16 2.24
CA ILE A 7 -7.08 -4.13 1.96
C ILE A 7 -6.36 -3.75 0.66
N ALA A 8 -7.16 -3.37 -0.33
CA ALA A 8 -6.61 -2.98 -1.62
C ALA A 8 -5.65 -1.80 -1.42
N VAL A 9 -6.15 -0.77 -0.77
CA VAL A 9 -5.35 0.42 -0.52
C VAL A 9 -4.08 0.01 0.23
N ALA A 10 -4.26 -0.83 1.24
CA ALA A 10 -3.15 -1.29 2.04
C ALA A 10 -2.01 -1.73 1.11
N ALA A 11 -2.35 -2.62 0.19
CA ALA A 11 -1.36 -3.12 -0.76
C ALA A 11 -0.82 -1.95 -1.59
N GLY A 12 -1.72 -1.04 -1.93
CA GLY A 12 -1.35 0.12 -2.72
C GLY A 12 -0.90 1.27 -1.81
N ALA A 13 -0.54 0.92 -0.59
CA ALA A 13 -0.09 1.90 0.38
C ALA A 13 1.36 1.58 0.79
N GLY A 14 1.58 0.32 1.08
CA GLY A 14 2.91 -0.13 1.48
C GLY A 14 3.73 -0.59 0.28
N THR A 15 3.30 -0.14 -0.89
CA THR A 15 3.97 -0.50 -2.12
C THR A 15 4.23 0.75 -2.98
N GLY A 16 3.17 1.52 -3.15
CA GLY A 16 3.27 2.74 -3.94
C GLY A 16 3.43 3.97 -3.04
N TYR A 17 4.39 3.87 -2.14
CA TYR A 17 4.66 4.96 -1.21
C TYR A 17 5.92 5.72 -1.61
N PHE A 18 6.91 4.98 -2.05
CA PHE A 18 8.17 5.57 -2.47
C PHE A 18 8.07 6.12 -3.90
N LEU A 19 6.89 5.96 -4.48
CA LEU A 19 6.64 6.43 -5.82
C LEU A 19 7.06 7.91 -5.93
N PHE A 20 7.74 8.22 -7.02
CA PHE A 20 8.20 9.59 -7.25
C PHE A 20 8.73 10.21 -5.96
N SER A 21 9.53 9.42 -5.24
CA SER A 21 10.11 9.88 -4.00
C SER A 21 11.54 9.38 -3.87
N TRP A 22 11.69 8.06 -4.01
CA TRP A 22 13.00 7.45 -3.92
C TRP A 22 13.59 7.37 -5.32
N LYS A 23 12.70 7.44 -6.30
CA LYS A 23 13.13 7.37 -7.69
C LYS A 23 13.85 6.05 -7.94
N LYS A 24 15.16 6.08 -7.78
CA LYS A 24 15.97 4.90 -7.98
C LYS A 24 17.09 4.87 -6.93
N TYR A 1 -9.69 -13.12 -2.68
CA TYR A 1 -9.80 -11.70 -2.43
C TYR A 1 -11.19 -11.18 -2.78
N ASN A 2 -11.67 -10.25 -1.97
CA ASN A 2 -12.98 -9.66 -2.19
C ASN A 2 -13.24 -8.58 -1.14
N GLY A 3 -14.28 -7.81 -1.38
CA GLY A 3 -14.64 -6.73 -0.46
C GLY A 3 -14.09 -5.39 -0.95
N TYR A 4 -12.79 -5.37 -1.19
CA TYR A 4 -12.13 -4.17 -1.65
C TYR A 4 -12.54 -2.96 -0.80
N LEU A 5 -11.80 -2.76 0.28
CA LEU A 5 -12.06 -1.65 1.18
C LEU A 5 -10.75 -1.04 1.63
N CYS A 6 -9.97 -1.83 2.35
CA CYS A 6 -8.68 -1.37 2.84
C CYS A 6 -7.65 -2.47 2.59
N ILE A 7 -7.94 -3.28 1.58
CA ILE A 7 -7.05 -4.37 1.21
C ILE A 7 -6.08 -3.89 0.12
N ALA A 8 -6.66 -3.38 -0.95
CA ALA A 8 -5.88 -2.89 -2.07
C ALA A 8 -5.11 -1.63 -1.63
N VAL A 9 -5.88 -0.61 -1.26
CA VAL A 9 -5.29 0.64 -0.82
C VAL A 9 -4.07 0.35 0.06
N ALA A 10 -4.30 -0.52 1.03
CA ALA A 10 -3.24 -0.89 1.96
C ALA A 10 -2.07 -1.50 1.18
N ALA A 11 -2.42 -2.37 0.24
CA ALA A 11 -1.41 -3.02 -0.58
C ALA A 11 -0.68 -1.96 -1.42
N GLY A 12 -1.47 -1.07 -1.99
CA GLY A 12 -0.91 0.00 -2.83
C GLY A 12 -0.31 1.11 -1.95
N ALA A 13 -0.51 0.97 -0.65
CA ALA A 13 -0.01 1.95 0.29
C ALA A 13 1.37 1.49 0.80
N GLY A 14 1.39 0.28 1.34
CA GLY A 14 2.62 -0.27 1.87
C GLY A 14 3.38 -1.05 0.79
N THR A 15 3.20 -0.61 -0.45
CA THR A 15 3.85 -1.26 -1.57
C THR A 15 5.27 -1.67 -1.19
N GLY A 16 6.04 -0.69 -0.76
CA GLY A 16 7.42 -0.93 -0.36
C GLY A 16 8.32 0.23 -0.76
N TYR A 17 8.32 1.25 0.10
CA TYR A 17 9.12 2.44 -0.16
C TYR A 17 9.32 3.26 1.13
N PHE A 18 8.19 3.56 1.76
CA PHE A 18 8.21 4.33 2.99
C PHE A 18 9.17 3.71 4.00
N LEU A 19 9.45 2.43 3.81
CA LEU A 19 10.34 1.71 4.70
C LEU A 19 11.64 2.51 4.86
N PHE A 20 12.21 2.90 3.73
CA PHE A 20 13.45 3.67 3.73
C PHE A 20 13.25 5.00 4.46
N SER A 21 12.00 5.40 4.58
CA SER A 21 11.67 6.65 5.24
C SER A 21 11.87 6.51 6.75
N TRP A 22 11.32 5.43 7.29
CA TRP A 22 11.43 5.16 8.71
C TRP A 22 12.75 4.44 8.96
N LYS A 23 13.28 3.84 7.90
CA LYS A 23 14.53 3.13 7.99
C LYS A 23 15.69 4.08 7.69
N LYS A 24 16.33 4.53 8.76
CA LYS A 24 17.45 5.43 8.62
C LYS A 24 18.34 4.99 7.46
N TYR A 1 -10.17 -10.80 9.61
CA TYR A 1 -10.61 -11.95 8.83
C TYR A 1 -11.86 -11.61 8.02
N ASN A 2 -11.72 -11.66 6.71
CA ASN A 2 -12.82 -11.36 5.81
C ASN A 2 -13.27 -9.92 6.04
N GLY A 3 -13.86 -9.34 5.00
CA GLY A 3 -14.35 -7.98 5.07
C GLY A 3 -13.90 -7.17 3.85
N TYR A 4 -12.61 -7.23 3.58
CA TYR A 4 -12.03 -6.52 2.46
C TYR A 4 -12.42 -5.04 2.49
N LEU A 5 -11.52 -4.23 3.00
CA LEU A 5 -11.74 -2.80 3.10
C LEU A 5 -10.46 -2.05 2.76
N CYS A 6 -10.47 -1.41 1.60
CA CYS A 6 -9.31 -0.65 1.15
C CYS A 6 -8.12 -1.61 1.08
N ILE A 7 -8.44 -2.88 0.89
CA ILE A 7 -7.39 -3.90 0.80
C ILE A 7 -6.30 -3.41 -0.16
N ALA A 8 -6.72 -3.04 -1.36
CA ALA A 8 -5.79 -2.56 -2.36
C ALA A 8 -4.98 -1.39 -1.79
N VAL A 9 -5.70 -0.34 -1.43
CA VAL A 9 -5.08 0.85 -0.87
C VAL A 9 -3.97 0.41 0.11
N ALA A 10 -4.31 -0.57 0.92
CA ALA A 10 -3.37 -1.08 1.90
C ALA A 10 -2.12 -1.62 1.19
N ALA A 11 -2.36 -2.58 0.30
CA ALA A 11 -1.27 -3.18 -0.45
C ALA A 11 -0.47 -2.08 -1.15
N GLY A 12 -1.19 -1.17 -1.77
CA GLY A 12 -0.57 -0.06 -2.47
C GLY A 12 0.23 0.82 -1.51
N ALA A 13 -0.46 1.28 -0.48
CA ALA A 13 0.17 2.13 0.52
C ALA A 13 1.44 1.46 1.04
N GLY A 14 1.32 0.15 1.28
CA GLY A 14 2.45 -0.62 1.77
C GLY A 14 3.30 -1.16 0.61
N THR A 15 3.13 -0.51 -0.54
CA THR A 15 3.87 -0.92 -1.73
C THR A 15 4.64 0.26 -2.31
N GLY A 16 3.91 1.34 -2.57
CA GLY A 16 4.50 2.54 -3.12
C GLY A 16 3.68 3.78 -2.75
N TYR A 17 3.89 4.23 -1.52
CA TYR A 17 3.18 5.40 -1.03
C TYR A 17 4.11 6.61 -0.95
N PHE A 18 5.27 6.38 -0.36
CA PHE A 18 6.25 7.44 -0.20
C PHE A 18 7.50 7.17 -1.05
N LEU A 19 7.73 5.88 -1.30
CA LEU A 19 8.87 5.46 -2.09
C LEU A 19 9.03 6.40 -3.29
N PHE A 20 7.89 6.87 -3.78
CA PHE A 20 7.88 7.77 -4.92
C PHE A 20 7.45 9.18 -4.50
N SER A 21 8.04 9.65 -3.41
CA SER A 21 7.74 10.97 -2.91
C SER A 21 9.01 11.66 -2.44
N TRP A 22 9.82 10.92 -1.69
CA TRP A 22 11.06 11.45 -1.17
C TRP A 22 12.10 11.38 -2.30
N LYS A 23 11.82 10.52 -3.27
CA LYS A 23 12.71 10.35 -4.40
C LYS A 23 12.77 11.67 -5.20
N LYS A 24 13.95 11.94 -5.74
CA LYS A 24 14.14 13.15 -6.52
C LYS A 24 13.64 12.91 -7.95
N TYR A 1 -13.35 -9.90 8.79
CA TYR A 1 -13.86 -8.80 9.60
C TYR A 1 -13.58 -7.46 8.92
N ASN A 2 -14.56 -7.01 8.15
CA ASN A 2 -14.43 -5.74 7.44
C ASN A 2 -13.00 -5.61 6.89
N GLY A 3 -12.74 -6.38 5.85
CA GLY A 3 -11.43 -6.36 5.23
C GLY A 3 -11.55 -6.20 3.71
N TYR A 4 -12.31 -5.19 3.31
CA TYR A 4 -12.51 -4.92 1.90
C TYR A 4 -12.07 -3.49 1.55
N LEU A 5 -11.47 -3.37 0.38
CA LEU A 5 -11.00 -2.08 -0.09
C LEU A 5 -9.79 -1.64 0.75
N CYS A 6 -10.04 -1.49 2.05
CA CYS A 6 -8.99 -1.08 2.97
C CYS A 6 -7.73 -1.89 2.64
N ILE A 7 -7.95 -3.09 2.12
CA ILE A 7 -6.85 -3.97 1.76
C ILE A 7 -6.12 -3.39 0.55
N ALA A 8 -6.89 -3.17 -0.51
CA ALA A 8 -6.32 -2.64 -1.75
C ALA A 8 -5.44 -1.43 -1.42
N VAL A 9 -6.04 -0.46 -0.73
CA VAL A 9 -5.32 0.74 -0.34
C VAL A 9 -4.10 0.35 0.49
N ALA A 10 -4.31 -0.62 1.37
CA ALA A 10 -3.24 -1.08 2.23
C ALA A 10 -2.09 -1.61 1.37
N ALA A 11 -2.42 -2.58 0.53
CA ALA A 11 -1.43 -3.17 -0.35
C ALA A 11 -0.85 -2.09 -1.28
N GLY A 12 -1.75 -1.24 -1.77
CA GLY A 12 -1.35 -0.17 -2.66
C GLY A 12 -0.39 0.80 -1.96
N ALA A 13 -0.76 1.16 -0.74
CA ALA A 13 0.05 2.07 0.05
C ALA A 13 1.40 1.42 0.34
N GLY A 14 1.34 0.23 0.93
CA GLY A 14 2.54 -0.51 1.26
C GLY A 14 2.98 -1.41 0.10
N THR A 15 2.65 -0.97 -1.11
CA THR A 15 3.01 -1.72 -2.30
C THR A 15 4.39 -2.34 -2.15
N GLY A 16 5.38 -1.48 -1.95
CA GLY A 16 6.76 -1.92 -1.79
C GLY A 16 7.67 -0.76 -1.42
N TYR A 17 7.79 -0.54 -0.12
CA TYR A 17 8.62 0.53 0.39
C TYR A 17 10.07 0.06 0.57
N PHE A 18 10.23 -0.89 1.48
CA PHE A 18 11.54 -1.43 1.77
C PHE A 18 12.35 -1.62 0.49
N LEU A 19 11.66 -2.06 -0.55
CA LEU A 19 12.30 -2.27 -1.85
C LEU A 19 13.21 -1.09 -2.16
N PHE A 20 12.72 0.10 -1.83
CA PHE A 20 13.48 1.32 -2.08
C PHE A 20 14.49 1.57 -0.96
N SER A 21 14.14 1.08 0.22
CA SER A 21 15.00 1.26 1.38
C SER A 21 15.77 -0.03 1.65
N TRP A 22 16.09 -0.73 0.57
CA TRP A 22 16.84 -1.97 0.67
C TRP A 22 18.27 -1.73 0.19
N LYS A 23 18.41 -0.66 -0.58
CA LYS A 23 19.71 -0.29 -1.12
C LYS A 23 20.48 0.53 -0.08
N LYS A 24 21.70 0.09 0.18
CA LYS A 24 22.54 0.77 1.15
C LYS A 24 23.97 0.22 1.05
N TYR A 1 -16.69 -8.92 -7.78
CA TYR A 1 -15.78 -8.82 -6.64
C TYR A 1 -15.23 -7.41 -6.49
N ASN A 2 -15.03 -7.01 -5.24
CA ASN A 2 -14.51 -5.68 -4.95
C ASN A 2 -13.93 -5.67 -3.54
N GLY A 3 -12.67 -6.09 -3.45
CA GLY A 3 -11.99 -6.13 -2.16
C GLY A 3 -10.91 -5.05 -2.08
N TYR A 4 -11.30 -3.83 -2.43
CA TYR A 4 -10.38 -2.71 -2.40
C TYR A 4 -10.75 -1.73 -1.29
N LEU A 5 -11.44 -2.25 -0.29
CA LEU A 5 -11.85 -1.43 0.84
C LEU A 5 -10.62 -0.94 1.60
N CYS A 6 -9.93 -1.88 2.22
CA CYS A 6 -8.73 -1.57 2.98
C CYS A 6 -7.68 -2.64 2.68
N ILE A 7 -7.81 -3.25 1.52
CA ILE A 7 -6.88 -4.29 1.11
C ILE A 7 -5.98 -3.76 -0.01
N ALA A 8 -6.64 -3.28 -1.07
CA ALA A 8 -5.92 -2.76 -2.20
C ALA A 8 -5.20 -1.46 -1.80
N VAL A 9 -5.92 -0.64 -1.04
CA VAL A 9 -5.37 0.62 -0.57
C VAL A 9 -4.15 0.34 0.31
N ALA A 10 -4.32 -0.60 1.22
CA ALA A 10 -3.26 -0.96 2.13
C ALA A 10 -2.04 -1.40 1.32
N ALA A 11 -2.18 -2.54 0.66
CA ALA A 11 -1.10 -3.07 -0.15
C ALA A 11 -0.60 -1.99 -1.12
N GLY A 12 -1.56 -1.28 -1.70
CA GLY A 12 -1.25 -0.22 -2.64
C GLY A 12 -0.38 0.86 -1.98
N ALA A 13 -0.70 1.15 -0.72
CA ALA A 13 0.03 2.15 0.02
C ALA A 13 1.34 1.55 0.52
N GLY A 14 1.24 0.34 1.04
CA GLY A 14 2.41 -0.36 1.56
C GLY A 14 3.09 -1.18 0.46
N THR A 15 2.82 -0.79 -0.78
CA THR A 15 3.40 -1.46 -1.93
C THR A 15 4.93 -1.34 -1.91
N GLY A 16 5.39 -0.10 -1.93
CA GLY A 16 6.82 0.17 -1.92
C GLY A 16 7.15 1.43 -2.73
N TYR A 17 6.57 2.54 -2.30
CA TYR A 17 6.79 3.81 -2.97
C TYR A 17 8.26 4.24 -2.85
N PHE A 18 8.73 4.30 -1.62
CA PHE A 18 10.10 4.69 -1.37
C PHE A 18 10.86 3.59 -0.61
N LEU A 19 10.26 3.15 0.48
CA LEU A 19 10.86 2.10 1.29
C LEU A 19 12.36 2.36 1.42
N PHE A 20 13.11 1.67 0.58
CA PHE A 20 14.57 1.82 0.59
C PHE A 20 14.99 3.10 -0.11
N SER A 21 14.44 4.21 0.36
CA SER A 21 14.75 5.51 -0.21
C SER A 21 14.78 6.58 0.88
N TRP A 22 13.72 6.58 1.68
CA TRP A 22 13.61 7.54 2.76
C TRP A 22 14.74 7.27 3.76
N LYS A 23 15.26 6.06 3.68
CA LYS A 23 16.36 5.67 4.56
C LYS A 23 17.53 6.63 4.37
N LYS A 24 17.92 7.26 5.47
CA LYS A 24 19.03 8.20 5.43
C LYS A 24 18.61 9.44 4.64
N TYR A 1 -0.67 -5.79 3.77
CA TYR A 1 -1.86 -5.44 4.55
C TYR A 1 -3.13 -5.59 3.72
N ASN A 2 -4.23 -5.81 4.41
CA ASN A 2 -5.52 -5.97 3.76
C ASN A 2 -6.59 -6.23 4.80
N GLY A 3 -7.19 -5.15 5.27
CA GLY A 3 -8.24 -5.25 6.27
C GLY A 3 -9.59 -4.82 5.70
N TYR A 4 -9.90 -5.38 4.54
CA TYR A 4 -11.15 -5.08 3.86
C TYR A 4 -11.26 -3.59 3.55
N LEU A 5 -11.89 -3.30 2.42
CA LEU A 5 -12.05 -1.92 2.00
C LEU A 5 -10.71 -1.36 1.54
N CYS A 6 -9.76 -1.34 2.47
CA CYS A 6 -8.44 -0.84 2.19
C CYS A 6 -7.55 -2.02 1.79
N ILE A 7 -8.18 -3.06 1.27
CA ILE A 7 -7.47 -4.25 0.85
C ILE A 7 -6.34 -3.85 -0.09
N ALA A 8 -6.73 -3.35 -1.26
CA ALA A 8 -5.76 -2.93 -2.26
C ALA A 8 -5.03 -1.67 -1.76
N VAL A 9 -5.81 -0.73 -1.25
CA VAL A 9 -5.26 0.51 -0.74
C VAL A 9 -4.10 0.19 0.19
N ALA A 10 -4.27 -0.87 0.96
CA ALA A 10 -3.26 -1.29 1.91
C ALA A 10 -1.98 -1.65 1.15
N ALA A 11 -2.10 -2.64 0.28
CA ALA A 11 -0.97 -3.08 -0.52
C ALA A 11 -0.41 -1.90 -1.32
N GLY A 12 -1.33 -1.11 -1.86
CA GLY A 12 -0.94 0.06 -2.64
C GLY A 12 -0.17 1.06 -1.78
N ALA A 13 -0.67 1.27 -0.58
CA ALA A 13 -0.03 2.19 0.35
C ALA A 13 1.26 1.58 0.87
N GLY A 14 1.13 0.36 1.41
CA GLY A 14 2.28 -0.34 1.96
C GLY A 14 3.45 -0.32 0.97
N THR A 15 3.11 -0.20 -0.31
CA THR A 15 4.12 -0.17 -1.35
C THR A 15 4.97 1.09 -1.24
N GLY A 16 4.29 2.23 -1.27
CA GLY A 16 4.97 3.51 -1.18
C GLY A 16 3.97 4.63 -0.86
N TYR A 17 3.63 4.73 0.42
CA TYR A 17 2.70 5.75 0.87
C TYR A 17 3.40 6.79 1.73
N PHE A 18 4.16 6.30 2.70
CA PHE A 18 4.89 7.18 3.60
C PHE A 18 6.00 7.92 2.86
N LEU A 19 6.41 7.34 1.75
CA LEU A 19 7.47 7.92 0.94
C LEU A 19 7.28 9.44 0.88
N PHE A 20 6.10 9.84 0.43
CA PHE A 20 5.78 11.25 0.33
C PHE A 20 4.83 11.69 1.46
N SER A 21 5.18 11.28 2.66
CA SER A 21 4.38 11.62 3.83
C SER A 21 5.28 11.80 5.06
N TRP A 22 6.12 10.79 5.28
CA TRP A 22 7.03 10.83 6.40
C TRP A 22 8.07 11.93 6.14
N LYS A 23 8.21 12.27 4.87
CA LYS A 23 9.15 13.30 4.47
C LYS A 23 8.64 14.00 3.21
N LYS A 24 9.30 15.09 2.86
CA LYS A 24 8.93 15.85 1.69
C LYS A 24 8.94 14.94 0.46
N TYR A 1 -11.60 -10.01 9.15
CA TYR A 1 -10.23 -10.10 8.65
C TYR A 1 -10.14 -9.61 7.20
N ASN A 2 -9.58 -8.43 7.04
CA ASN A 2 -9.43 -7.85 5.72
C ASN A 2 -10.77 -7.88 4.99
N GLY A 3 -11.58 -6.87 5.26
CA GLY A 3 -12.89 -6.77 4.63
C GLY A 3 -12.84 -5.87 3.40
N TYR A 4 -11.87 -6.13 2.55
CA TYR A 4 -11.70 -5.35 1.32
C TYR A 4 -11.64 -3.85 1.64
N LEU A 5 -11.57 -3.06 0.58
CA LEU A 5 -11.49 -1.61 0.73
C LEU A 5 -10.12 -1.24 1.28
N CYS A 6 -9.82 -1.75 2.46
CA CYS A 6 -8.54 -1.47 3.09
C CYS A 6 -7.57 -2.60 2.74
N ILE A 7 -7.84 -3.23 1.61
CA ILE A 7 -6.99 -4.33 1.16
C ILE A 7 -6.12 -3.85 -0.01
N ALA A 8 -6.77 -3.22 -0.97
CA ALA A 8 -6.07 -2.70 -2.14
C ALA A 8 -5.30 -1.44 -1.75
N VAL A 9 -6.02 -0.52 -1.12
CA VAL A 9 -5.41 0.73 -0.69
C VAL A 9 -4.19 0.44 0.18
N ALA A 10 -4.40 -0.45 1.15
CA ALA A 10 -3.33 -0.83 2.05
C ALA A 10 -2.16 -1.39 1.24
N ALA A 11 -2.39 -2.53 0.62
CA ALA A 11 -1.37 -3.17 -0.18
C ALA A 11 -0.68 -2.12 -1.05
N GLY A 12 -1.49 -1.32 -1.72
CA GLY A 12 -0.97 -0.28 -2.59
C GLY A 12 -0.13 0.73 -1.79
N ALA A 13 -0.72 1.23 -0.72
CA ALA A 13 -0.05 2.18 0.14
C ALA A 13 1.25 1.57 0.66
N GLY A 14 1.18 0.30 0.99
CA GLY A 14 2.33 -0.41 1.50
C GLY A 14 3.17 -0.99 0.36
N THR A 15 2.91 -0.49 -0.83
CA THR A 15 3.64 -0.93 -2.01
C THR A 15 4.42 0.22 -2.63
N GLY A 16 3.71 1.32 -2.86
CA GLY A 16 4.33 2.49 -3.46
C GLY A 16 3.50 3.74 -3.18
N TYR A 17 3.71 4.31 -1.99
CA TYR A 17 2.99 5.50 -1.59
C TYR A 17 3.94 6.70 -1.46
N PHE A 18 5.11 6.42 -0.93
CA PHE A 18 6.11 7.46 -0.74
C PHE A 18 7.37 7.17 -1.57
N LEU A 19 7.74 5.89 -1.58
CA LEU A 19 8.91 5.46 -2.32
C LEU A 19 8.91 6.13 -3.70
N PHE A 20 7.73 6.14 -4.31
CA PHE A 20 7.59 6.74 -5.64
C PHE A 20 6.94 8.12 -5.54
N SER A 21 7.24 8.81 -4.44
CA SER A 21 6.70 10.13 -4.22
C SER A 21 7.77 11.04 -3.60
N TRP A 22 8.44 10.51 -2.58
CA TRP A 22 9.49 11.25 -1.91
C TRP A 22 10.51 11.68 -2.95
N LYS A 23 10.50 10.98 -4.07
CA LYS A 23 11.43 11.26 -5.15
C LYS A 23 10.67 11.94 -6.29
N LYS A 24 9.68 11.23 -6.81
CA LYS A 24 8.87 11.75 -7.90
C LYS A 24 8.56 13.23 -7.65
N TYR A 1 -18.70 -6.22 -5.27
CA TYR A 1 -18.51 -7.09 -4.11
C TYR A 1 -17.47 -6.49 -3.16
N ASN A 2 -17.92 -6.21 -1.94
CA ASN A 2 -17.03 -5.64 -0.93
C ASN A 2 -16.04 -6.70 -0.47
N GLY A 3 -15.14 -7.05 -1.37
CA GLY A 3 -14.14 -8.06 -1.07
C GLY A 3 -12.79 -7.40 -0.69
N TYR A 4 -12.48 -6.33 -1.40
CA TYR A 4 -11.24 -5.61 -1.16
C TYR A 4 -11.46 -4.09 -1.27
N LEU A 5 -11.28 -3.42 -0.14
CA LEU A 5 -11.45 -1.98 -0.10
C LEU A 5 -10.28 -1.35 0.67
N CYS A 6 -10.11 -1.81 1.90
CA CYS A 6 -9.04 -1.30 2.74
C CYS A 6 -7.73 -1.97 2.31
N ILE A 7 -7.76 -3.29 2.31
CA ILE A 7 -6.58 -4.06 1.93
C ILE A 7 -5.99 -3.46 0.65
N ALA A 8 -6.86 -3.20 -0.31
CA ALA A 8 -6.44 -2.63 -1.58
C ALA A 8 -5.50 -1.44 -1.31
N VAL A 9 -6.07 -0.40 -0.74
CA VAL A 9 -5.30 0.80 -0.42
C VAL A 9 -4.06 0.40 0.38
N ALA A 10 -4.27 -0.47 1.35
CA ALA A 10 -3.20 -0.94 2.19
C ALA A 10 -2.05 -1.46 1.32
N ALA A 11 -2.38 -2.47 0.51
CA ALA A 11 -1.40 -3.06 -0.38
C ALA A 11 -0.86 -1.99 -1.33
N GLY A 12 -1.79 -1.16 -1.81
CA GLY A 12 -1.43 -0.10 -2.72
C GLY A 12 -0.70 1.04 -2.00
N ALA A 13 -0.57 0.87 -0.68
CA ALA A 13 0.09 1.86 0.13
C ALA A 13 1.49 1.37 0.50
N GLY A 14 1.56 0.11 0.90
CA GLY A 14 2.83 -0.48 1.27
C GLY A 14 3.51 -1.13 0.06
N THR A 15 3.10 -0.67 -1.12
CA THR A 15 3.66 -1.19 -2.35
C THR A 15 5.17 -1.41 -2.20
N GLY A 16 5.87 -0.34 -1.85
CA GLY A 16 7.31 -0.41 -1.67
C GLY A 16 7.89 0.97 -1.35
N TYR A 17 7.94 1.27 -0.06
CA TYR A 17 8.47 2.54 0.39
C TYR A 17 9.93 2.41 0.82
N PHE A 18 10.47 1.22 0.60
CA PHE A 18 11.85 0.95 0.97
C PHE A 18 12.59 0.24 -0.17
N LEU A 19 11.99 -0.84 -0.64
CA LEU A 19 12.57 -1.62 -1.72
C LEU A 19 12.90 -0.69 -2.89
N PHE A 20 11.95 0.19 -3.19
CA PHE A 20 12.13 1.15 -4.28
C PHE A 20 13.02 2.31 -3.84
N SER A 21 13.12 2.49 -2.53
CA SER A 21 13.93 3.56 -1.98
C SER A 21 15.41 3.22 -2.13
N TRP A 22 15.74 1.99 -1.76
CA TRP A 22 17.12 1.54 -1.83
C TRP A 22 17.58 1.66 -3.29
N LYS A 23 16.59 1.72 -4.19
CA LYS A 23 16.88 1.84 -5.60
C LYS A 23 17.55 3.20 -5.87
N LYS A 24 16.78 4.25 -5.64
CA LYS A 24 17.28 5.60 -5.85
C LYS A 24 18.00 5.66 -7.19
N TYR A 1 -13.29 -9.54 -8.57
CA TYR A 1 -13.07 -9.43 -7.14
C TYR A 1 -14.14 -8.56 -6.48
N ASN A 2 -14.27 -8.74 -5.17
CA ASN A 2 -15.25 -7.97 -4.41
C ASN A 2 -14.87 -7.98 -2.93
N GLY A 3 -15.48 -7.08 -2.19
CA GLY A 3 -15.21 -6.97 -0.77
C GLY A 3 -14.07 -5.99 -0.49
N TYR A 4 -12.96 -6.21 -1.18
CA TYR A 4 -11.80 -5.35 -1.02
C TYR A 4 -12.21 -3.89 -0.95
N LEU A 5 -11.74 -3.23 0.10
CA LEU A 5 -12.05 -1.82 0.31
C LEU A 5 -10.80 -1.10 0.81
N CYS A 6 -10.17 -1.70 1.81
CA CYS A 6 -8.97 -1.12 2.39
C CYS A 6 -7.78 -2.02 2.05
N ILE A 7 -8.04 -3.32 2.11
CA ILE A 7 -7.02 -4.30 1.80
C ILE A 7 -6.22 -3.84 0.59
N ALA A 8 -6.95 -3.32 -0.39
CA ALA A 8 -6.33 -2.84 -1.61
C ALA A 8 -5.38 -1.69 -1.28
N VAL A 9 -5.95 -0.60 -0.80
CA VAL A 9 -5.17 0.57 -0.43
C VAL A 9 -3.93 0.13 0.36
N ALA A 10 -4.18 -0.70 1.36
CA ALA A 10 -3.10 -1.20 2.20
C ALA A 10 -1.96 -1.69 1.31
N ALA A 11 -2.30 -2.56 0.38
CA ALA A 11 -1.31 -3.11 -0.54
C ALA A 11 -0.77 -1.98 -1.43
N GLY A 12 -1.66 -1.05 -1.76
CA GLY A 12 -1.29 0.07 -2.59
C GLY A 12 -0.78 1.24 -1.75
N ALA A 13 -0.40 0.92 -0.52
CA ALA A 13 0.11 1.93 0.40
C ALA A 13 1.57 1.64 0.70
N GLY A 14 1.88 0.35 0.86
CA GLY A 14 3.23 -0.07 1.15
C GLY A 14 4.06 -0.20 -0.13
N THR A 15 3.48 0.29 -1.22
CA THR A 15 4.15 0.25 -2.50
C THR A 15 5.10 1.45 -2.66
N GLY A 16 4.66 2.58 -2.14
CA GLY A 16 5.45 3.80 -2.21
C GLY A 16 6.25 4.01 -0.92
N TYR A 17 6.80 2.91 -0.42
CA TYR A 17 7.59 2.96 0.80
C TYR A 17 8.94 2.28 0.61
N PHE A 18 8.89 1.07 0.08
CA PHE A 18 10.11 0.30 -0.15
C PHE A 18 10.65 0.57 -1.56
N LEU A 19 9.89 1.32 -2.32
CA LEU A 19 10.29 1.66 -3.68
C LEU A 19 11.78 1.98 -3.70
N PHE A 20 12.14 3.03 -2.98
CA PHE A 20 13.53 3.45 -2.92
C PHE A 20 14.29 2.67 -1.83
N SER A 21 14.08 1.36 -1.85
CA SER A 21 14.73 0.49 -0.89
C SER A 21 14.99 -0.89 -1.50
N TRP A 22 13.95 -1.42 -2.12
CA TRP A 22 14.03 -2.73 -2.75
C TRP A 22 14.70 -2.54 -4.12
N LYS A 23 14.65 -1.31 -4.60
CA LYS A 23 15.24 -0.99 -5.89
C LYS A 23 16.61 -0.36 -5.68
N LYS A 24 17.51 -0.63 -6.62
CA LYS A 24 18.86 -0.10 -6.54
C LYS A 24 18.79 1.43 -6.44
N TYR A 1 -16.28 -0.51 -9.48
CA TYR A 1 -15.72 -0.05 -8.22
C TYR A 1 -16.31 -0.82 -7.04
N ASN A 2 -15.60 -1.87 -6.64
CA ASN A 2 -16.05 -2.70 -5.53
C ASN A 2 -15.09 -3.87 -5.37
N GLY A 3 -15.23 -4.57 -4.24
CA GLY A 3 -14.38 -5.71 -3.96
C GLY A 3 -13.36 -5.38 -2.86
N TYR A 4 -12.62 -4.31 -3.10
CA TYR A 4 -11.61 -3.87 -2.15
C TYR A 4 -12.18 -2.81 -1.20
N LEU A 5 -11.69 -2.85 0.04
CA LEU A 5 -12.14 -1.91 1.04
C LEU A 5 -10.92 -1.15 1.60
N CYS A 6 -10.05 -1.91 2.23
CA CYS A 6 -8.84 -1.33 2.80
C CYS A 6 -7.68 -2.29 2.56
N ILE A 7 -7.85 -3.12 1.55
CA ILE A 7 -6.82 -4.09 1.20
C ILE A 7 -5.98 -3.55 0.04
N ALA A 8 -6.68 -3.17 -1.02
CA ALA A 8 -6.02 -2.64 -2.19
C ALA A 8 -5.22 -1.39 -1.81
N VAL A 9 -5.88 -0.53 -1.04
CA VAL A 9 -5.25 0.71 -0.60
C VAL A 9 -4.05 0.37 0.28
N ALA A 10 -4.25 -0.60 1.16
CA ALA A 10 -3.18 -1.03 2.07
C ALA A 10 -1.98 -1.48 1.24
N ALA A 11 -2.18 -2.58 0.53
CA ALA A 11 -1.11 -3.13 -0.30
C ALA A 11 -0.57 -2.04 -1.22
N GLY A 12 -1.50 -1.28 -1.79
CA GLY A 12 -1.13 -0.19 -2.69
C GLY A 12 -0.21 0.81 -1.99
N ALA A 13 -0.60 1.16 -0.77
CA ALA A 13 0.17 2.12 0.01
C ALA A 13 1.46 1.45 0.49
N GLY A 14 1.30 0.35 1.21
CA GLY A 14 2.44 -0.38 1.73
C GLY A 14 3.54 -0.50 0.68
N THR A 15 3.11 -0.53 -0.58
CA THR A 15 4.04 -0.64 -1.68
C THR A 15 4.77 0.69 -1.90
N GLY A 16 3.99 1.73 -2.14
CA GLY A 16 4.54 3.05 -2.36
C GLY A 16 3.88 4.09 -1.45
N TYR A 17 4.09 3.91 -0.15
CA TYR A 17 3.52 4.82 0.83
C TYR A 17 4.25 6.17 0.81
N PHE A 18 5.57 6.11 0.88
CA PHE A 18 6.37 7.31 0.87
C PHE A 18 6.71 7.73 -0.56
N LEU A 19 7.31 6.80 -1.29
CA LEU A 19 7.68 7.06 -2.67
C LEU A 19 8.71 8.19 -2.71
N PHE A 20 9.84 7.90 -3.35
CA PHE A 20 10.90 8.88 -3.46
C PHE A 20 11.04 9.69 -2.17
N SER A 21 11.23 8.98 -1.08
CA SER A 21 11.37 9.61 0.22
C SER A 21 11.93 8.62 1.24
N TRP A 22 11.25 7.49 1.34
CA TRP A 22 11.67 6.45 2.27
C TRP A 22 12.86 5.72 1.65
N LYS A 23 12.99 5.85 0.33
CA LYS A 23 14.08 5.21 -0.39
C LYS A 23 14.05 3.70 -0.12
N LYS A 24 14.74 3.31 0.94
CA LYS A 24 14.80 1.91 1.31
C LYS A 24 15.17 1.79 2.79
N TYR A 1 -17.01 -11.69 -6.14
CA TYR A 1 -16.95 -11.09 -4.82
C TYR A 1 -16.28 -9.72 -4.88
N ASN A 2 -16.74 -8.83 -4.02
CA ASN A 2 -16.20 -7.49 -3.95
C ASN A 2 -16.06 -7.06 -2.50
N GLY A 3 -14.97 -7.51 -1.89
CA GLY A 3 -14.70 -7.19 -0.49
C GLY A 3 -13.32 -6.58 -0.32
N TYR A 4 -13.04 -5.57 -1.14
CA TYR A 4 -11.77 -4.89 -1.10
C TYR A 4 -11.94 -3.40 -0.78
N LEU A 5 -11.55 -3.03 0.43
CA LEU A 5 -11.66 -1.64 0.86
C LEU A 5 -10.29 -1.16 1.35
N CYS A 6 -9.82 -1.78 2.42
CA CYS A 6 -8.54 -1.42 3.00
C CYS A 6 -7.53 -2.52 2.65
N ILE A 7 -7.83 -3.24 1.58
CA ILE A 7 -6.98 -4.32 1.12
C ILE A 7 -6.07 -3.80 0.01
N ALA A 8 -6.69 -3.26 -1.02
CA ALA A 8 -5.95 -2.72 -2.15
C ALA A 8 -5.22 -1.46 -1.73
N VAL A 9 -5.97 -0.54 -1.15
CA VAL A 9 -5.40 0.72 -0.68
C VAL A 9 -4.19 0.43 0.21
N ALA A 10 -4.39 -0.47 1.15
CA ALA A 10 -3.33 -0.84 2.07
C ALA A 10 -2.14 -1.40 1.28
N ALA A 11 -2.39 -2.51 0.60
CA ALA A 11 -1.35 -3.14 -0.21
C ALA A 11 -0.68 -2.08 -1.09
N GLY A 12 -1.51 -1.29 -1.73
CA GLY A 12 -1.01 -0.24 -2.62
C GLY A 12 -0.18 0.77 -1.83
N ALA A 13 -0.72 1.20 -0.70
CA ALA A 13 -0.03 2.16 0.15
C ALA A 13 1.27 1.55 0.65
N GLY A 14 1.19 0.28 1.03
CA GLY A 14 2.35 -0.43 1.53
C GLY A 14 3.15 -1.05 0.39
N THR A 15 2.87 -0.59 -0.82
CA THR A 15 3.54 -1.09 -2.00
C THR A 15 4.35 0.02 -2.67
N GLY A 16 3.64 1.06 -3.07
CA GLY A 16 4.28 2.20 -3.71
C GLY A 16 3.23 3.21 -4.20
N TYR A 17 2.95 4.18 -3.33
CA TYR A 17 1.98 5.21 -3.65
C TYR A 17 2.64 6.41 -4.31
N PHE A 18 3.71 6.88 -3.68
CA PHE A 18 4.45 8.02 -4.20
C PHE A 18 4.54 7.96 -5.72
N LEU A 19 4.91 6.79 -6.22
CA LEU A 19 5.04 6.58 -7.65
C LEU A 19 6.05 7.59 -8.21
N PHE A 20 5.54 8.76 -8.56
CA PHE A 20 6.39 9.81 -9.11
C PHE A 20 7.18 10.51 -8.01
N SER A 21 6.54 10.64 -6.85
CA SER A 21 7.18 11.28 -5.71
C SER A 21 8.64 10.85 -5.61
N TRP A 22 8.86 9.56 -5.84
CA TRP A 22 10.20 9.00 -5.76
C TRP A 22 10.88 9.26 -7.11
N LYS A 23 10.96 8.22 -7.92
CA LYS A 23 11.58 8.32 -9.22
C LYS A 23 13.08 8.58 -9.05
N LYS A 24 13.85 8.07 -10.00
CA LYS A 24 15.30 8.25 -9.96
C LYS A 24 15.65 9.65 -10.47
N TYR A 1 -15.76 -4.41 -11.26
CA TYR A 1 -14.64 -4.99 -10.52
C TYR A 1 -13.99 -3.93 -9.63
N ASN A 2 -14.45 -3.88 -8.38
CA ASN A 2 -13.93 -2.92 -7.42
C ASN A 2 -14.68 -3.07 -6.10
N GLY A 3 -14.23 -4.02 -5.29
CA GLY A 3 -14.84 -4.27 -4.01
C GLY A 3 -13.79 -4.32 -2.90
N TYR A 4 -12.95 -3.30 -2.87
CA TYR A 4 -11.90 -3.22 -1.87
C TYR A 4 -12.13 -2.04 -0.93
N LEU A 5 -11.94 -2.31 0.36
CA LEU A 5 -12.13 -1.28 1.37
C LEU A 5 -10.77 -0.75 1.80
N CYS A 6 -9.95 -1.64 2.34
CA CYS A 6 -8.62 -1.27 2.80
C CYS A 6 -7.68 -2.44 2.53
N ILE A 7 -8.06 -3.25 1.55
CA ILE A 7 -7.25 -4.40 1.18
C ILE A 7 -6.32 -4.03 0.03
N ALA A 8 -6.92 -3.52 -1.04
CA ALA A 8 -6.16 -3.11 -2.21
C ALA A 8 -5.27 -1.93 -1.84
N VAL A 9 -5.90 -0.86 -1.38
CA VAL A 9 -5.17 0.33 -1.00
C VAL A 9 -3.98 -0.06 -0.12
N ALA A 10 -4.28 -0.89 0.88
CA ALA A 10 -3.25 -1.34 1.80
C ALA A 10 -1.98 -1.69 1.01
N ALA A 11 -2.14 -2.64 0.09
CA ALA A 11 -1.03 -3.08 -0.73
C ALA A 11 -0.47 -1.89 -1.51
N GLY A 12 -1.38 -1.01 -1.92
CA GLY A 12 -1.00 0.18 -2.67
C GLY A 12 -0.69 1.34 -1.73
N ALA A 13 -0.42 1.00 -0.47
CA ALA A 13 -0.11 2.00 0.54
C ALA A 13 1.30 1.75 1.09
N GLY A 14 1.53 0.48 1.45
CA GLY A 14 2.82 0.10 1.99
C GLY A 14 3.76 -0.39 0.89
N THR A 15 3.44 0.00 -0.34
CA THR A 15 4.23 -0.40 -1.49
C THR A 15 4.93 0.83 -2.09
N GLY A 16 4.12 1.78 -2.51
CA GLY A 16 4.63 3.00 -3.10
C GLY A 16 3.56 4.09 -3.15
N TYR A 17 3.28 4.66 -1.99
CA TYR A 17 2.28 5.71 -1.89
C TYR A 17 2.86 6.94 -1.18
N PHE A 18 3.44 6.70 -0.02
CA PHE A 18 4.02 7.77 0.77
C PHE A 18 5.55 7.77 0.65
N LEU A 19 6.04 7.00 -0.31
CA LEU A 19 7.47 6.90 -0.56
C LEU A 19 8.08 8.30 -0.46
N PHE A 20 9.28 8.35 0.11
CA PHE A 20 9.99 9.61 0.27
C PHE A 20 9.02 10.74 0.61
N SER A 21 8.31 10.56 1.71
CA SER A 21 7.35 11.55 2.16
C SER A 21 7.14 11.43 3.67
N TRP A 22 6.98 10.20 4.12
CA TRP A 22 6.77 9.94 5.53
C TRP A 22 8.13 9.96 6.23
N LYS A 23 9.17 9.77 5.43
CA LYS A 23 10.52 9.76 5.94
C LYS A 23 11.09 11.18 5.92
N LYS A 24 10.69 11.92 4.90
CA LYS A 24 11.14 13.30 4.76
C LYS A 24 10.34 14.20 5.71
N TYR A 1 -17.02 -11.87 -5.14
CA TYR A 1 -16.42 -11.30 -3.95
C TYR A 1 -16.09 -9.81 -4.17
N ASN A 2 -16.12 -9.07 -3.07
CA ASN A 2 -15.81 -7.66 -3.13
C ASN A 2 -15.16 -7.22 -1.81
N GLY A 3 -13.85 -7.41 -1.76
CA GLY A 3 -13.10 -7.04 -0.56
C GLY A 3 -11.84 -6.26 -0.94
N TYR A 4 -12.04 -5.24 -1.77
CA TYR A 4 -10.93 -4.41 -2.21
C TYR A 4 -11.16 -2.94 -1.84
N LEU A 5 -11.14 -2.68 -0.55
CA LEU A 5 -11.35 -1.33 -0.05
C LEU A 5 -10.15 -0.90 0.79
N CYS A 6 -9.93 -1.64 1.87
CA CYS A 6 -8.83 -1.35 2.77
C CYS A 6 -7.61 -2.14 2.30
N ILE A 7 -7.78 -3.46 2.26
CA ILE A 7 -6.70 -4.33 1.84
C ILE A 7 -5.98 -3.71 0.63
N ALA A 8 -6.74 -3.49 -0.42
CA ALA A 8 -6.19 -2.90 -1.64
C ALA A 8 -5.37 -1.66 -1.26
N VAL A 9 -6.06 -0.68 -0.70
CA VAL A 9 -5.40 0.55 -0.29
C VAL A 9 -4.14 0.22 0.51
N ALA A 10 -4.28 -0.78 1.38
CA ALA A 10 -3.17 -1.20 2.21
C ALA A 10 -1.99 -1.61 1.31
N ALA A 11 -2.24 -2.61 0.47
CA ALA A 11 -1.22 -3.09 -0.44
C ALA A 11 -0.73 -1.94 -1.32
N GLY A 12 -1.70 -1.15 -1.79
CA GLY A 12 -1.38 -0.02 -2.64
C GLY A 12 -0.47 0.98 -1.91
N ALA A 13 -0.85 1.28 -0.68
CA ALA A 13 -0.08 2.20 0.13
C ALA A 13 1.27 1.58 0.49
N GLY A 14 1.22 0.31 0.84
CA GLY A 14 2.43 -0.42 1.19
C GLY A 14 3.08 -1.04 -0.05
N THR A 15 2.72 -0.50 -1.20
CA THR A 15 3.28 -0.99 -2.46
C THR A 15 4.77 -1.24 -2.32
N GLY A 16 5.50 -0.17 -2.04
CA GLY A 16 6.94 -0.26 -1.88
C GLY A 16 7.40 0.48 -0.63
N TYR A 17 6.90 0.01 0.51
CA TYR A 17 7.26 0.62 1.78
C TYR A 17 8.75 0.95 1.84
N PHE A 18 9.56 -0.10 1.91
CA PHE A 18 11.00 0.07 1.97
C PHE A 18 11.66 -0.46 0.69
N LEU A 19 10.85 -0.61 -0.34
CA LEU A 19 11.33 -1.10 -1.62
C LEU A 19 11.96 0.06 -2.40
N PHE A 20 12.93 0.72 -1.76
CA PHE A 20 13.60 1.84 -2.38
C PHE A 20 14.68 2.41 -1.46
N SER A 21 14.36 2.42 -0.17
CA SER A 21 15.28 2.94 0.83
C SER A 21 15.93 1.79 1.58
N TRP A 22 15.87 0.62 0.97
CA TRP A 22 16.45 -0.57 1.57
C TRP A 22 17.74 -0.91 0.80
N LYS A 23 17.82 -0.40 -0.41
CA LYS A 23 18.97 -0.64 -1.25
C LYS A 23 19.65 0.69 -1.57
N LYS A 24 20.91 0.80 -1.16
CA LYS A 24 21.67 2.01 -1.38
C LYS A 24 22.77 1.72 -2.43
#